data_3H4T
#
_entry.id   3H4T
#
_cell.length_a   111.107
_cell.length_b   129.693
_cell.length_c   67.087
_cell.angle_alpha   90.00
_cell.angle_beta   90.00
_cell.angle_gamma   90.00
#
_symmetry.space_group_name_H-M   'C 2 2 21'
#
loop_
_entity.id
_entity.type
_entity.pdbx_description
1 polymer 'Glycosyltransferase GtfA, Glycosyltransferase'
2 non-polymer 'PHOSPHATE ION'
3 non-polymer "URIDINE-5'-DIPHOSPHATE"
4 water water
#
_entity_poly.entity_id   1
_entity_poly.type   'polypeptide(L)'
_entity_poly.pdbx_seq_one_letter_code
;MGVLITGCGSRGDTEPLVALAARLRELGADARMCLPPDYVERCAEVGVPMVPVGRAVRAGAREPGELPPGAAEVVTEVVA
EWFDKVPAAIEGCDAVVTTGLLPAAVAVRSMAEKLGIPYRYTVLSPDHLPSEQSQAERDMYNQGADRLFGDAVNSHRASI
GLPPVEHLYDYGYTDQPWLAADPVLSPLRPTDLGTVQTGAWILPDQRPLSAELEGFLRAGSPPVYVGFGSGPAPAEAARV
AIEAVRAQGRRVVLSSGWAGLGRIDEGDDCLVVGEVNHQVLFGRVAAVVHHGGAGTTTAVTRAGAPQVVVPQKADQPYYA
GRVADLGVGVAHDGPTPTVESLSAALATALTPGIRARAAAVAGTIRTDGTTVAAKLLLEAISRQRSSVPAAKLAAALEHH
HHHH
;
_entity_poly.pdbx_strand_id   A
#
# COMPACT_ATOMS: atom_id res chain seq x y z
N GLY A 2 4.20 -9.91 22.21
CA GLY A 2 3.95 -9.87 20.75
C GLY A 2 3.70 -8.46 20.27
N VAL A 3 3.47 -8.32 18.96
CA VAL A 3 3.13 -7.03 18.35
C VAL A 3 1.93 -7.27 17.46
N LEU A 4 0.93 -6.38 17.54
CA LEU A 4 -0.22 -6.45 16.66
C LEU A 4 -0.11 -5.41 15.56
N ILE A 5 -0.39 -5.82 14.33
CA ILE A 5 -0.36 -4.90 13.20
C ILE A 5 -1.73 -4.98 12.52
N THR A 6 -2.39 -3.83 12.35
CA THR A 6 -3.75 -3.83 11.81
C THR A 6 -3.93 -2.82 10.69
N GLY A 7 -4.90 -3.10 9.84
CA GLY A 7 -5.27 -2.14 8.83
C GLY A 7 -6.51 -2.56 8.09
N CYS A 8 -7.13 -1.61 7.41
CA CYS A 8 -8.20 -1.89 6.48
C CYS A 8 -8.05 -0.94 5.31
N GLY A 9 -7.84 -1.52 4.14
CA GLY A 9 -7.64 -0.75 2.92
C GLY A 9 -7.29 -1.66 1.79
N SER A 10 -6.91 -1.07 0.66
CA SER A 10 -6.53 -1.82 -0.53
C SER A 10 -5.14 -2.41 -0.36
N ARG A 11 -4.64 -3.05 -1.43
CA ARG A 11 -3.35 -3.73 -1.31
C ARG A 11 -2.24 -2.79 -0.86
N GLY A 12 -2.26 -1.56 -1.36
CA GLY A 12 -1.23 -0.58 -0.99
C GLY A 12 -1.24 -0.20 0.48
N ASP A 13 -2.40 -0.30 1.12
CA ASP A 13 -2.51 -0.03 2.54
C ASP A 13 -2.06 -1.21 3.39
N THR A 14 -2.00 -2.38 2.75
CA THR A 14 -1.86 -3.64 3.44
C THR A 14 -0.46 -4.23 3.32
N GLU A 15 0.07 -4.22 2.10
CA GLU A 15 1.39 -4.77 1.83
C GLU A 15 2.49 -4.24 2.78
N PRO A 16 2.54 -2.91 3.03
CA PRO A 16 3.55 -2.42 3.97
C PRO A 16 3.42 -3.03 5.37
N LEU A 17 2.18 -3.23 5.81
CA LEU A 17 1.92 -3.85 7.10
C LEU A 17 2.42 -5.29 7.16
N VAL A 18 2.17 -6.05 6.09
CA VAL A 18 2.64 -7.43 5.99
C VAL A 18 4.17 -7.44 6.01
N ALA A 19 4.79 -6.50 5.31
CA ALA A 19 6.24 -6.36 5.32
C ALA A 19 6.78 -6.17 6.74
N LEU A 20 6.16 -5.26 7.48
CA LEU A 20 6.60 -5.04 8.85
C LEU A 20 6.41 -6.28 9.72
N ALA A 21 5.25 -6.93 9.60
CA ALA A 21 4.98 -8.14 10.36
C ALA A 21 6.03 -9.22 10.09
N ALA A 22 6.33 -9.45 8.82
CA ALA A 22 7.32 -10.47 8.44
C ALA A 22 8.71 -10.11 8.96
N ARG A 23 9.08 -8.83 8.91
CA ARG A 23 10.39 -8.41 9.41
C ARG A 23 10.48 -8.62 10.92
N LEU A 24 9.41 -8.27 11.63
CA LEU A 24 9.40 -8.45 13.08
C LEU A 24 9.55 -9.92 13.45
N ARG A 25 8.88 -10.81 12.72
CA ARG A 25 9.01 -12.25 12.96
C ARG A 25 10.43 -12.73 12.69
N GLU A 26 11.06 -12.22 11.64
CA GLU A 26 12.46 -12.53 11.35
C GLU A 26 13.37 -12.10 12.50
N LEU A 27 13.00 -11.02 13.18
CA LEU A 27 13.75 -10.49 14.31
C LEU A 27 13.33 -11.11 15.65
N GLY A 28 12.49 -12.14 15.60
CA GLY A 28 12.15 -12.94 16.77
C GLY A 28 10.93 -12.51 17.56
N ALA A 29 10.19 -11.52 17.04
CA ALA A 29 9.00 -11.04 17.69
C ALA A 29 7.75 -11.72 17.13
N ASP A 30 6.82 -12.08 18.01
CA ASP A 30 5.58 -12.74 17.61
C ASP A 30 4.60 -11.70 17.09
N ALA A 31 4.84 -11.23 15.87
CA ALA A 31 3.97 -10.27 15.21
C ALA A 31 2.81 -11.00 14.56
N ARG A 32 1.61 -10.46 14.76
CA ARG A 32 0.41 -11.01 14.14
C ARG A 32 -0.46 -9.85 13.66
N MET A 33 -1.45 -10.16 12.83
CA MET A 33 -2.20 -9.12 12.13
C MET A 33 -3.70 -9.27 12.22
N CYS A 34 -4.40 -8.14 12.11
CA CYS A 34 -5.82 -8.11 11.80
C CYS A 34 -5.97 -7.33 10.50
N LEU A 35 -6.53 -7.98 9.49
CA LEU A 35 -6.69 -7.38 8.16
C LEU A 35 -8.00 -7.83 7.56
N PRO A 36 -8.48 -7.15 6.51
CA PRO A 36 -9.62 -7.65 5.76
C PRO A 36 -9.35 -9.04 5.17
N PRO A 37 -10.42 -9.80 4.90
CA PRO A 37 -10.30 -11.18 4.42
C PRO A 37 -9.62 -11.33 3.05
N ASP A 38 -9.48 -10.24 2.29
CA ASP A 38 -8.75 -10.28 1.02
C ASP A 38 -7.35 -10.86 1.16
N TYR A 39 -6.75 -10.68 2.35
CA TYR A 39 -5.31 -10.85 2.51
C TYR A 39 -4.88 -12.12 3.19
N VAL A 40 -5.82 -13.06 3.31
CA VAL A 40 -5.54 -14.36 3.94
C VAL A 40 -4.37 -15.09 3.26
N GLU A 41 -4.43 -15.20 1.93
CA GLU A 41 -3.40 -15.90 1.17
C GLU A 41 -2.05 -15.19 1.27
N ARG A 42 -2.07 -13.87 1.13
CA ARG A 42 -0.84 -13.08 1.19
C ARG A 42 -0.09 -13.30 2.50
N CYS A 43 -0.82 -13.23 3.62
CA CYS A 43 -0.17 -13.40 4.92
C CYS A 43 0.37 -14.81 5.11
N ALA A 44 -0.43 -15.80 4.73
CA ALA A 44 -0.02 -17.19 4.91
C ALA A 44 1.25 -17.52 4.13
N GLU A 45 1.36 -17.00 2.91
CA GLU A 45 2.48 -17.38 2.06
C GLU A 45 3.81 -16.80 2.54
N VAL A 46 3.77 -15.81 3.44
CA VAL A 46 4.99 -15.27 4.05
C VAL A 46 5.10 -15.64 5.54
N GLY A 47 4.23 -16.54 5.99
CA GLY A 47 4.31 -17.09 7.34
C GLY A 47 3.85 -16.17 8.45
N VAL A 48 3.02 -15.18 8.11
CA VAL A 48 2.54 -14.22 9.09
C VAL A 48 1.13 -14.59 9.53
N PRO A 49 0.92 -14.76 10.85
CA PRO A 49 -0.42 -15.07 11.33
C PRO A 49 -1.35 -13.87 11.20
N MET A 50 -2.53 -14.11 10.66
CA MET A 50 -3.50 -13.05 10.48
C MET A 50 -4.91 -13.51 10.80
N VAL A 51 -5.65 -12.63 11.47
CA VAL A 51 -7.05 -12.80 11.80
C VAL A 51 -7.86 -11.92 10.85
N PRO A 52 -8.78 -12.51 10.07
CA PRO A 52 -9.58 -11.68 9.16
C PRO A 52 -10.64 -10.91 9.92
N VAL A 53 -10.81 -9.64 9.57
CA VAL A 53 -11.79 -8.79 10.23
C VAL A 53 -12.58 -8.03 9.19
N GLY A 54 -13.91 -8.13 9.27
CA GLY A 54 -14.80 -7.31 8.46
C GLY A 54 -14.98 -7.76 7.03
N ARG A 55 -15.56 -6.85 6.25
CA ARG A 55 -15.88 -7.08 4.85
C ARG A 55 -14.63 -7.05 3.98
N ALA A 56 -14.66 -7.80 2.88
CA ALA A 56 -13.60 -7.73 1.89
C ALA A 56 -13.56 -6.35 1.25
N VAL A 57 -12.36 -5.87 0.98
CA VAL A 57 -12.17 -4.57 0.37
C VAL A 57 -12.42 -4.61 -1.14
N ARG A 58 -12.00 -5.70 -1.79
CA ARG A 58 -12.21 -5.87 -3.22
C ARG A 58 -13.66 -6.21 -3.51
N ALA A 59 -14.30 -5.41 -4.37
CA ALA A 59 -15.72 -5.60 -4.71
C ALA A 59 -16.03 -7.03 -5.15
N GLY A 60 -15.17 -7.57 -6.02
CA GLY A 60 -15.34 -8.92 -6.54
C GLY A 60 -15.22 -10.03 -5.51
N ALA A 61 -14.66 -9.71 -4.35
CA ALA A 61 -14.56 -10.66 -3.24
C ALA A 61 -15.79 -10.63 -2.35
N ARG A 62 -16.64 -9.63 -2.54
CA ARG A 62 -17.90 -9.51 -1.79
C ARG A 62 -19.05 -10.09 -2.59
N GLU A 63 -20.18 -10.29 -1.91
CA GLU A 63 -21.42 -10.73 -2.56
C GLU A 63 -21.97 -9.60 -3.43
N PRO A 64 -22.79 -9.94 -4.46
CA PRO A 64 -23.40 -8.88 -5.26
C PRO A 64 -24.20 -7.91 -4.39
N GLY A 65 -23.94 -6.62 -4.56
CA GLY A 65 -24.64 -5.58 -3.81
C GLY A 65 -24.10 -5.32 -2.40
N GLU A 66 -23.20 -6.17 -1.92
CA GLU A 66 -22.63 -6.01 -0.59
C GLU A 66 -21.70 -4.80 -0.53
N LEU A 67 -21.97 -3.91 0.41
CA LEU A 67 -21.24 -2.65 0.53
C LEU A 67 -19.81 -2.86 1.03
N PRO A 68 -18.87 -2.00 0.60
CA PRO A 68 -17.49 -2.07 1.07
C PRO A 68 -17.35 -1.63 2.54
N PRO A 69 -16.24 -2.01 3.19
CA PRO A 69 -16.04 -1.62 4.59
C PRO A 69 -15.94 -0.11 4.82
N GLY A 70 -15.59 0.64 3.77
CA GLY A 70 -15.50 2.09 3.86
C GLY A 70 -16.81 2.83 3.63
N ALA A 71 -17.90 2.11 3.37
CA ALA A 71 -19.20 2.76 3.12
C ALA A 71 -19.78 3.35 4.41
N ALA A 72 -20.24 4.59 4.31
CA ALA A 72 -20.80 5.28 5.48
C ALA A 72 -21.94 4.49 6.13
N GLU A 73 -22.74 3.81 5.30
CA GLU A 73 -23.93 3.09 5.73
C GLU A 73 -23.63 1.93 6.69
N VAL A 74 -22.41 1.40 6.62
CA VAL A 74 -22.06 0.22 7.40
C VAL A 74 -21.07 0.54 8.54
N VAL A 75 -20.81 1.82 8.78
CA VAL A 75 -19.74 2.19 9.72
C VAL A 75 -19.98 1.68 11.15
N THR A 76 -21.24 1.67 11.60
CA THR A 76 -21.58 1.17 12.93
C THR A 76 -21.21 -0.32 13.05
N GLU A 77 -21.52 -1.09 12.01
CA GLU A 77 -21.16 -2.50 11.94
C GLU A 77 -19.65 -2.71 11.95
N VAL A 78 -18.94 -1.87 11.18
CA VAL A 78 -17.48 -1.95 11.10
C VAL A 78 -16.84 -1.74 12.47
N VAL A 79 -17.27 -0.67 13.16
CA VAL A 79 -16.76 -0.39 14.50
C VAL A 79 -17.01 -1.59 15.42
N ALA A 80 -18.23 -2.12 15.40
CA ALA A 80 -18.57 -3.28 16.23
C ALA A 80 -17.71 -4.49 15.92
N GLU A 81 -17.47 -4.73 14.63
CA GLU A 81 -16.70 -5.89 14.19
C GLU A 81 -15.25 -5.82 14.68
N TRP A 82 -14.64 -4.65 14.58
CA TRP A 82 -13.27 -4.47 15.05
C TRP A 82 -13.19 -4.62 16.58
N PHE A 83 -14.13 -4.03 17.30
CA PHE A 83 -14.18 -4.26 18.75
C PHE A 83 -14.44 -5.72 19.12
N ASP A 84 -15.11 -6.47 18.24
CA ASP A 84 -15.38 -7.88 18.51
C ASP A 84 -14.18 -8.79 18.28
N LYS A 85 -13.42 -8.54 17.21
CA LYS A 85 -12.40 -9.48 16.74
C LYS A 85 -10.98 -9.17 17.22
N VAL A 86 -10.70 -7.88 17.47
CA VAL A 86 -9.36 -7.49 17.90
C VAL A 86 -8.94 -8.01 19.30
N PRO A 87 -9.86 -8.04 20.29
CA PRO A 87 -9.45 -8.45 21.63
C PRO A 87 -8.62 -9.75 21.70
N ALA A 88 -9.05 -10.79 20.99
CA ALA A 88 -8.31 -12.05 21.01
C ALA A 88 -6.91 -11.91 20.41
N ALA A 89 -6.79 -11.07 19.39
CA ALA A 89 -5.53 -10.89 18.68
C ALA A 89 -4.57 -9.96 19.45
N ILE A 90 -5.11 -8.96 20.13
CA ILE A 90 -4.27 -7.99 20.84
C ILE A 90 -3.77 -8.53 22.19
N GLU A 91 -4.41 -9.58 22.70
CA GLU A 91 -3.98 -10.23 23.93
C GLU A 91 -2.51 -10.65 23.84
N GLY A 92 -1.74 -10.27 24.85
CA GLY A 92 -0.32 -10.62 24.90
C GLY A 92 0.57 -9.74 24.04
N CYS A 93 0.01 -8.69 23.46
CA CYS A 93 0.80 -7.75 22.66
C CYS A 93 1.32 -6.58 23.46
N ASP A 94 2.48 -6.10 23.06
CA ASP A 94 3.19 -5.05 23.76
C ASP A 94 3.14 -3.72 23.01
N ALA A 95 2.67 -3.77 21.76
CA ALA A 95 2.52 -2.58 20.93
C ALA A 95 1.62 -2.91 19.75
N VAL A 96 1.08 -1.85 19.14
CA VAL A 96 0.21 -1.97 17.98
C VAL A 96 0.61 -0.94 16.93
N VAL A 97 0.64 -1.38 15.67
CA VAL A 97 0.89 -0.49 14.52
C VAL A 97 -0.29 -0.61 13.57
N THR A 98 -0.79 0.52 13.07
CA THR A 98 -2.01 0.56 12.28
C THR A 98 -1.87 1.50 11.10
N THR A 99 -2.55 1.18 10.00
CA THR A 99 -2.83 2.17 8.97
C THR A 99 -4.26 1.99 8.45
N GLY A 100 -4.67 2.89 7.55
CA GLY A 100 -5.90 2.70 6.82
C GLY A 100 -7.14 3.24 7.50
N LEU A 101 -8.26 2.57 7.23
CA LEU A 101 -9.59 3.04 7.55
C LEU A 101 -9.73 3.57 8.97
N LEU A 102 -10.16 4.82 9.08
CA LEU A 102 -10.20 5.50 10.37
C LEU A 102 -11.09 4.86 11.44
N PRO A 103 -12.37 4.52 11.13
CA PRO A 103 -13.17 3.88 12.19
C PRO A 103 -12.56 2.60 12.75
N ALA A 104 -11.92 1.79 11.90
CA ALA A 104 -11.21 0.61 12.37
C ALA A 104 -10.01 1.00 13.25
N ALA A 105 -9.24 1.99 12.81
CA ALA A 105 -8.05 2.42 13.54
C ALA A 105 -8.39 2.93 14.94
N VAL A 106 -9.48 3.69 15.06
CA VAL A 106 -9.90 4.22 16.35
C VAL A 106 -10.36 3.11 17.30
N ALA A 107 -10.98 2.07 16.75
CA ALA A 107 -11.34 0.90 17.55
C ALA A 107 -10.07 0.26 18.09
N VAL A 108 -9.09 0.06 17.21
CA VAL A 108 -7.83 -0.55 17.59
C VAL A 108 -7.09 0.29 18.65
N ARG A 109 -6.99 1.60 18.43
CA ARG A 109 -6.32 2.43 19.44
C ARG A 109 -7.05 2.37 20.79
N SER A 110 -8.38 2.30 20.75
CA SER A 110 -9.17 2.18 21.99
C SER A 110 -8.76 0.93 22.77
N MET A 111 -8.62 -0.19 22.06
CA MET A 111 -8.21 -1.42 22.72
C MET A 111 -6.76 -1.37 23.22
N ALA A 112 -5.88 -0.69 22.48
CA ALA A 112 -4.53 -0.43 22.96
C ALA A 112 -4.54 0.43 24.22
N GLU A 113 -5.39 1.45 24.22
CA GLU A 113 -5.52 2.35 25.37
C GLU A 113 -5.96 1.58 26.61
N LYS A 114 -6.95 0.70 26.46
CA LYS A 114 -7.43 -0.14 27.55
C LYS A 114 -6.30 -1.00 28.14
N LEU A 115 -5.48 -1.57 27.26
CA LEU A 115 -4.38 -2.43 27.68
C LEU A 115 -3.15 -1.66 28.15
N GLY A 116 -3.13 -0.36 27.88
CA GLY A 116 -1.98 0.48 28.22
C GLY A 116 -0.74 0.18 27.41
N ILE A 117 -0.92 -0.15 26.13
CA ILE A 117 0.21 -0.42 25.24
C ILE A 117 0.31 0.64 24.16
N PRO A 118 1.55 0.95 23.71
CA PRO A 118 1.72 1.96 22.67
C PRO A 118 1.04 1.61 21.35
N TYR A 119 0.41 2.62 20.77
CA TYR A 119 -0.24 2.55 19.46
C TYR A 119 0.46 3.53 18.54
N ARG A 120 0.76 3.07 17.33
CA ARG A 120 1.37 3.91 16.32
C ARG A 120 0.57 3.82 15.02
N TYR A 121 0.22 4.97 14.47
CA TYR A 121 -0.40 5.01 13.17
C TYR A 121 0.64 5.41 12.14
N THR A 122 0.49 4.87 10.94
CA THR A 122 1.44 5.08 9.87
C THR A 122 0.72 5.61 8.64
N VAL A 123 1.28 6.63 8.00
CA VAL A 123 0.81 7.05 6.69
C VAL A 123 1.83 6.67 5.63
N LEU A 124 1.37 6.54 4.40
CA LEU A 124 2.17 5.97 3.33
C LEU A 124 2.59 6.97 2.26
N SER A 125 2.09 8.20 2.37
CA SER A 125 2.51 9.29 1.48
C SER A 125 2.45 10.58 2.27
N PRO A 126 3.41 11.50 2.03
CA PRO A 126 3.49 12.70 2.87
C PRO A 126 2.24 13.60 2.85
N ASP A 127 1.53 13.66 1.73
CA ASP A 127 0.31 14.47 1.63
C ASP A 127 -0.78 14.05 2.64
N HIS A 128 -0.67 12.84 3.18
CA HIS A 128 -1.65 12.33 4.14
C HIS A 128 -1.32 12.64 5.60
N LEU A 129 -0.15 13.22 5.84
CA LEU A 129 0.23 13.58 7.20
C LEU A 129 -0.70 14.65 7.75
N PRO A 130 -1.16 14.48 9.00
CA PRO A 130 -1.92 15.56 9.65
C PRO A 130 -1.22 16.92 9.56
N SER A 131 0.11 16.95 9.70
CA SER A 131 0.86 18.21 9.64
C SER A 131 0.91 18.83 8.23
N GLU A 132 0.48 18.07 7.22
CA GLU A 132 0.39 18.58 5.86
C GLU A 132 -1.02 19.05 5.51
N GLN A 133 -1.92 19.00 6.49
CA GLN A 133 -3.27 19.53 6.35
C GLN A 133 -3.29 20.90 7.02
N SER A 134 -4.22 21.74 6.60
CA SER A 134 -4.48 22.99 7.31
C SER A 134 -5.23 22.69 8.60
N GLN A 135 -5.25 23.66 9.52
CA GLN A 135 -6.01 23.53 10.75
C GLN A 135 -7.50 23.34 10.45
N ALA A 136 -8.01 24.11 9.49
CA ALA A 136 -9.42 24.01 9.07
C ALA A 136 -9.73 22.62 8.55
N GLU A 137 -8.80 22.03 7.80
CA GLU A 137 -8.96 20.67 7.29
C GLU A 137 -9.00 19.64 8.43
N ARG A 138 -8.08 19.74 9.37
CA ARG A 138 -8.07 18.82 10.52
C ARG A 138 -9.35 18.94 11.34
N ASP A 139 -9.80 20.18 11.55
CA ASP A 139 -11.07 20.42 12.24
C ASP A 139 -12.21 19.72 11.52
N MET A 140 -12.22 19.85 10.19
CA MET A 140 -13.25 19.23 9.37
C MET A 140 -13.23 17.71 9.47
N TYR A 141 -12.04 17.11 9.41
CA TYR A 141 -11.92 15.65 9.51
C TYR A 141 -12.38 15.15 10.87
N ASN A 142 -11.98 15.86 11.92
CA ASN A 142 -12.39 15.51 13.28
C ASN A 142 -13.90 15.56 13.45
N GLN A 143 -14.50 16.64 12.98
CA GLN A 143 -15.95 16.81 13.11
C GLN A 143 -16.70 15.75 12.33
N GLY A 144 -16.23 15.46 11.12
CA GLY A 144 -16.84 14.43 10.30
C GLY A 144 -16.81 13.07 10.95
N ALA A 145 -15.64 12.69 11.47
CA ALA A 145 -15.46 11.39 12.12
C ALA A 145 -16.32 11.28 13.37
N ASP A 146 -16.28 12.31 14.21
CA ASP A 146 -17.07 12.32 15.45
C ASP A 146 -18.56 12.18 15.15
N ARG A 147 -19.03 12.90 14.13
CA ARG A 147 -20.43 12.86 13.76
C ARG A 147 -20.83 11.53 13.14
N LEU A 148 -19.98 10.98 12.30
CA LEU A 148 -20.31 9.78 11.56
C LEU A 148 -20.26 8.51 12.40
N PHE A 149 -19.25 8.39 13.25
CA PHE A 149 -19.08 7.15 14.01
C PHE A 149 -18.62 7.33 15.45
N GLY A 150 -18.64 8.56 15.95
CA GLY A 150 -18.25 8.84 17.33
C GLY A 150 -19.10 8.15 18.38
N ASP A 151 -20.42 8.14 18.16
CA ASP A 151 -21.33 7.49 19.09
C ASP A 151 -21.07 5.99 19.17
N ALA A 152 -20.88 5.37 18.00
CA ALA A 152 -20.61 3.94 17.94
C ALA A 152 -19.30 3.62 18.67
N VAL A 153 -18.25 4.39 18.39
CA VAL A 153 -16.97 4.21 19.05
C VAL A 153 -17.11 4.36 20.57
N ASN A 154 -17.81 5.41 20.99
CA ASN A 154 -18.00 5.65 22.41
C ASN A 154 -18.83 4.57 23.12
N SER A 155 -19.80 4.01 22.42
CA SER A 155 -20.58 2.91 22.98
C SER A 155 -19.69 1.70 23.27
N HIS A 156 -18.82 1.37 22.31
CA HIS A 156 -17.90 0.25 22.49
C HIS A 156 -16.81 0.54 23.52
N ARG A 157 -16.36 1.79 23.57
CA ARG A 157 -15.40 2.18 24.60
C ARG A 157 -15.99 2.00 25.99
N ALA A 158 -17.24 2.42 26.18
CA ALA A 158 -17.91 2.23 27.46
C ALA A 158 -17.98 0.75 27.81
N SER A 159 -18.27 -0.09 26.82
CA SER A 159 -18.41 -1.53 27.05
C SER A 159 -17.15 -2.15 27.66
N ILE A 160 -16.00 -1.54 27.42
CA ILE A 160 -14.74 -2.00 28.01
C ILE A 160 -14.19 -1.05 29.08
N GLY A 161 -15.03 -0.14 29.56
CA GLY A 161 -14.72 0.68 30.73
C GLY A 161 -13.98 1.97 30.48
N LEU A 162 -13.72 2.28 29.21
CA LEU A 162 -13.00 3.49 28.85
C LEU A 162 -13.90 4.71 28.88
N PRO A 163 -13.30 5.90 29.08
CA PRO A 163 -14.09 7.13 28.96
C PRO A 163 -14.38 7.40 27.48
N PRO A 164 -15.36 8.28 27.21
CA PRO A 164 -15.61 8.69 25.84
C PRO A 164 -14.40 9.44 25.29
N VAL A 165 -14.28 9.46 23.97
CA VAL A 165 -13.24 10.23 23.30
C VAL A 165 -13.86 11.00 22.15
N GLU A 166 -13.28 12.16 21.84
CA GLU A 166 -13.67 12.93 20.67
C GLU A 166 -12.43 13.27 19.86
N HIS A 167 -12.64 14.02 18.76
CA HIS A 167 -11.58 14.33 17.81
C HIS A 167 -10.95 13.06 17.27
N LEU A 168 -11.78 12.27 16.61
CA LEU A 168 -11.38 10.92 16.21
C LEU A 168 -10.34 10.87 15.10
N TYR A 169 -10.24 11.91 14.30
CA TYR A 169 -9.14 12.00 13.33
C TYR A 169 -7.80 12.13 14.06
N ASP A 170 -7.72 13.09 14.99
CA ASP A 170 -6.54 13.23 15.85
C ASP A 170 -6.24 11.92 16.57
N TYR A 171 -7.27 11.27 17.09
CA TYR A 171 -7.10 10.08 17.89
C TYR A 171 -6.58 8.92 17.04
N GLY A 172 -7.21 8.65 15.90
CA GLY A 172 -6.79 7.56 15.04
C GLY A 172 -5.42 7.75 14.40
N TYR A 173 -5.14 8.96 13.94
CA TYR A 173 -3.88 9.24 13.25
C TYR A 173 -2.73 9.51 14.21
N THR A 174 -3.09 9.85 15.46
CA THR A 174 -2.16 10.38 16.47
C THR A 174 -1.64 11.75 16.07
N ASP A 175 -0.93 12.39 16.99
CA ASP A 175 -0.39 13.72 16.73
C ASP A 175 0.89 13.67 15.91
N GLN A 176 1.43 12.48 15.69
CA GLN A 176 2.68 12.33 14.98
C GLN A 176 2.83 10.95 14.32
N PRO A 177 1.98 10.64 13.33
CA PRO A 177 2.12 9.32 12.72
C PRO A 177 3.45 9.16 12.01
N TRP A 178 3.89 7.92 11.88
CA TRP A 178 5.07 7.60 11.10
C TRP A 178 4.79 7.79 9.62
N LEU A 179 5.84 8.08 8.85
CA LEU A 179 5.75 8.13 7.40
C LEU A 179 6.55 6.97 6.81
N ALA A 180 5.83 5.90 6.45
CA ALA A 180 6.48 4.72 5.86
C ALA A 180 6.55 4.89 4.36
N ALA A 181 7.39 5.82 3.92
CA ALA A 181 7.52 6.17 2.53
C ALA A 181 8.98 6.46 2.24
N ASP A 182 9.39 6.14 1.03
CA ASP A 182 10.77 6.40 0.63
C ASP A 182 11.05 7.90 0.53
N PRO A 183 12.16 8.36 1.14
CA PRO A 183 12.48 9.79 1.10
C PRO A 183 12.94 10.36 -0.25
N VAL A 184 13.48 9.53 -1.14
CA VAL A 184 13.87 10.00 -2.47
C VAL A 184 12.59 10.19 -3.30
N LEU A 185 11.73 9.18 -3.30
CA LEU A 185 10.49 9.26 -4.04
C LEU A 185 9.53 10.28 -3.45
N SER A 186 9.48 10.37 -2.12
CA SER A 186 8.55 11.27 -1.45
C SER A 186 9.22 12.07 -0.34
N PRO A 187 9.93 13.15 -0.71
CA PRO A 187 10.66 13.94 0.27
C PRO A 187 9.75 14.69 1.24
N LEU A 188 10.19 14.74 2.50
CA LEU A 188 9.50 15.45 3.55
C LEU A 188 10.11 16.85 3.68
N ARG A 189 9.26 17.85 3.86
CA ARG A 189 9.71 19.23 4.01
C ARG A 189 10.73 19.37 5.15
N PRO A 190 11.73 20.26 4.97
CA PRO A 190 12.83 20.33 5.93
C PRO A 190 12.42 20.80 7.33
N THR A 191 11.35 21.57 7.44
CA THR A 191 10.93 22.09 8.74
C THR A 191 10.15 21.09 9.60
N ASP A 192 9.80 19.93 9.05
CA ASP A 192 9.09 18.90 9.82
C ASP A 192 10.12 18.07 10.57
N LEU A 193 10.27 18.36 11.86
CA LEU A 193 11.18 17.60 12.72
C LEU A 193 10.51 16.46 13.46
N GLY A 194 9.18 16.51 13.54
CA GLY A 194 8.42 15.54 14.33
C GLY A 194 8.16 14.22 13.65
N THR A 195 7.93 14.25 12.34
CA THR A 195 7.61 13.05 11.60
C THR A 195 8.84 12.16 11.44
N VAL A 196 8.69 10.89 11.81
CA VAL A 196 9.74 9.93 11.52
C VAL A 196 9.43 9.28 10.18
N GLN A 197 10.29 9.54 9.21
CA GLN A 197 10.17 8.93 7.89
C GLN A 197 11.10 7.73 7.85
N THR A 198 10.51 6.54 7.86
CA THR A 198 11.29 5.32 8.02
C THR A 198 11.89 4.80 6.72
N GLY A 199 11.37 5.27 5.59
CA GLY A 199 11.53 4.55 4.34
C GLY A 199 10.32 3.64 4.13
N ALA A 200 10.12 3.20 2.90
CA ALA A 200 9.04 2.28 2.59
C ALA A 200 9.18 0.96 3.33
N TRP A 201 8.06 0.32 3.64
CA TRP A 201 8.08 -0.99 4.25
C TRP A 201 7.92 -2.01 3.14
N ILE A 202 9.00 -2.71 2.83
CA ILE A 202 9.10 -3.58 1.66
C ILE A 202 9.48 -4.97 2.13
N LEU A 203 8.70 -5.96 1.70
CA LEU A 203 8.96 -7.35 2.05
C LEU A 203 9.85 -7.95 0.95
N PRO A 204 11.05 -8.44 1.31
CA PRO A 204 11.91 -9.04 0.28
C PRO A 204 11.21 -10.28 -0.28
N ASP A 205 10.80 -10.18 -1.54
CA ASP A 205 9.87 -11.13 -2.13
C ASP A 205 10.60 -12.36 -2.67
N GLN A 206 10.36 -13.49 -2.02
CA GLN A 206 11.01 -14.75 -2.37
C GLN A 206 10.14 -15.66 -3.25
N ARG A 207 8.94 -15.19 -3.60
CA ARG A 207 8.03 -16.02 -4.38
C ARG A 207 8.55 -16.21 -5.80
N PRO A 208 8.52 -17.46 -6.30
CA PRO A 208 8.89 -17.66 -7.70
C PRO A 208 7.87 -17.05 -8.64
N LEU A 209 8.30 -16.73 -9.85
CA LEU A 209 7.36 -16.42 -10.92
C LEU A 209 6.71 -17.72 -11.36
N SER A 210 5.50 -17.62 -11.89
CA SER A 210 4.82 -18.80 -12.43
C SER A 210 5.61 -19.37 -13.60
N ALA A 211 5.39 -20.66 -13.89
CA ALA A 211 6.00 -21.29 -15.05
C ALA A 211 5.62 -20.55 -16.34
N GLU A 212 4.38 -20.07 -16.40
CA GLU A 212 3.88 -19.38 -17.57
C GLU A 212 4.58 -18.04 -17.77
N LEU A 213 4.77 -17.30 -16.69
CA LEU A 213 5.49 -16.03 -16.76
C LEU A 213 6.98 -16.23 -17.05
N GLU A 214 7.60 -17.20 -16.39
CA GLU A 214 8.98 -17.54 -16.69
C GLU A 214 9.15 -17.90 -18.18
N GLY A 215 8.28 -18.76 -18.67
CA GLY A 215 8.30 -19.13 -20.09
C GLY A 215 8.15 -17.93 -21.01
N PHE A 216 7.18 -17.08 -20.70
CA PHE A 216 6.96 -15.86 -21.48
C PHE A 216 8.20 -14.97 -21.53
N LEU A 217 8.82 -14.75 -20.38
CA LEU A 217 10.03 -13.93 -20.32
C LEU A 217 11.18 -14.53 -21.11
N ARG A 218 11.30 -15.85 -21.07
CA ARG A 218 12.40 -16.53 -21.75
C ARG A 218 12.21 -16.61 -23.26
N ALA A 219 10.97 -16.45 -23.71
CA ALA A 219 10.60 -16.70 -25.11
C ALA A 219 10.79 -15.52 -26.05
N GLY A 220 11.17 -14.36 -25.54
CA GLY A 220 11.32 -13.19 -26.39
C GLY A 220 11.95 -12.02 -25.70
N SER A 221 11.84 -10.85 -26.33
CA SER A 221 12.41 -9.62 -25.82
C SER A 221 11.68 -9.16 -24.55
N PRO A 222 12.37 -8.40 -23.68
CA PRO A 222 11.71 -7.95 -22.45
C PRO A 222 10.40 -7.21 -22.74
N PRO A 223 9.30 -7.64 -22.08
CA PRO A 223 8.01 -7.04 -22.35
C PRO A 223 7.79 -5.76 -21.54
N VAL A 224 6.67 -5.09 -21.81
CA VAL A 224 6.22 -3.98 -21.00
C VAL A 224 5.10 -4.50 -20.10
N TYR A 225 5.19 -4.18 -18.82
CA TYR A 225 4.12 -4.48 -17.87
C TYR A 225 3.08 -3.37 -17.88
N VAL A 226 1.81 -3.75 -17.80
CA VAL A 226 0.71 -2.81 -17.67
C VAL A 226 -0.21 -3.29 -16.55
N GLY A 227 -0.49 -2.43 -15.58
CA GLY A 227 -1.40 -2.79 -14.50
C GLY A 227 -1.92 -1.58 -13.76
N PHE A 228 -3.10 -1.73 -13.16
CA PHE A 228 -3.73 -0.64 -12.42
C PHE A 228 -3.98 -0.96 -10.96
N GLY A 229 -3.38 -2.04 -10.49
CA GLY A 229 -3.38 -2.36 -9.06
C GLY A 229 -4.76 -2.67 -8.51
N SER A 230 -5.05 -2.13 -7.34
CA SER A 230 -6.34 -2.36 -6.68
C SER A 230 -7.45 -1.48 -7.23
N GLY A 231 -7.08 -0.48 -8.01
CA GLY A 231 -8.01 0.58 -8.37
C GLY A 231 -8.65 0.39 -9.72
N PRO A 232 -9.41 1.40 -10.16
CA PRO A 232 -10.06 1.34 -11.45
C PRO A 232 -9.04 1.46 -12.57
N ALA A 233 -9.41 0.92 -13.73
CA ALA A 233 -8.62 1.11 -14.93
C ALA A 233 -9.40 2.01 -15.87
N PRO A 234 -8.70 2.77 -16.73
CA PRO A 234 -9.37 3.64 -17.68
C PRO A 234 -10.22 2.89 -18.69
N ALA A 235 -11.15 3.60 -19.33
CA ALA A 235 -11.97 3.02 -20.39
C ALA A 235 -11.06 2.41 -21.46
N GLU A 236 -11.42 1.21 -21.88
CA GLU A 236 -10.69 0.50 -22.93
C GLU A 236 -9.21 0.28 -22.55
N ALA A 237 -8.93 0.15 -21.25
CA ALA A 237 -7.54 0.10 -20.78
C ALA A 237 -6.69 -0.98 -21.46
N ALA A 238 -7.23 -2.20 -21.50
CA ALA A 238 -6.50 -3.32 -22.07
C ALA A 238 -6.24 -3.12 -23.56
N ARG A 239 -7.27 -2.69 -24.30
CA ARG A 239 -7.09 -2.48 -25.73
C ARG A 239 -6.07 -1.39 -26.01
N VAL A 240 -6.22 -0.25 -25.34
CA VAL A 240 -5.31 0.88 -25.56
C VAL A 240 -3.88 0.50 -25.20
N ALA A 241 -3.71 -0.16 -24.06
CA ALA A 241 -2.37 -0.52 -23.60
C ALA A 241 -1.72 -1.56 -24.50
N ILE A 242 -2.46 -2.62 -24.84
CA ILE A 242 -1.91 -3.65 -25.71
C ILE A 242 -1.53 -3.08 -27.08
N GLU A 243 -2.40 -2.25 -27.64
CA GLU A 243 -2.13 -1.65 -28.94
C GLU A 243 -0.95 -0.66 -28.89
N ALA A 244 -0.83 0.10 -27.79
CA ALA A 244 0.26 1.05 -27.65
C ALA A 244 1.61 0.36 -27.42
N VAL A 245 1.60 -0.71 -26.63
CA VAL A 245 2.83 -1.47 -26.38
C VAL A 245 3.28 -2.16 -27.68
N ARG A 246 2.33 -2.77 -28.39
CA ARG A 246 2.60 -3.34 -29.70
C ARG A 246 3.19 -2.31 -30.65
N ALA A 247 2.65 -1.09 -30.62
CA ALA A 247 3.13 -0.02 -31.49
C ALA A 247 4.61 0.29 -31.28
N GLN A 248 5.10 0.03 -30.08
CA GLN A 248 6.51 0.22 -29.76
C GLN A 248 7.36 -1.04 -30.02
N GLY A 249 6.75 -2.06 -30.63
CA GLY A 249 7.45 -3.28 -30.97
C GLY A 249 7.76 -4.16 -29.77
N ARG A 250 6.92 -4.06 -28.74
CA ARG A 250 7.14 -4.77 -27.49
C ARG A 250 6.00 -5.74 -27.21
N ARG A 251 6.33 -6.79 -26.48
CA ARG A 251 5.37 -7.72 -25.93
C ARG A 251 4.80 -7.15 -24.64
N VAL A 252 3.68 -7.72 -24.18
CA VAL A 252 2.93 -7.15 -23.06
C VAL A 252 2.71 -8.18 -21.96
N VAL A 253 2.99 -7.78 -20.72
CA VAL A 253 2.49 -8.50 -19.55
C VAL A 253 1.38 -7.63 -18.98
N LEU A 254 0.15 -8.13 -19.06
CA LEU A 254 -1.01 -7.39 -18.58
C LEU A 254 -1.45 -7.94 -17.24
N SER A 255 -1.34 -7.11 -16.20
CA SER A 255 -1.83 -7.51 -14.89
C SER A 255 -3.33 -7.24 -14.82
N SER A 256 -4.10 -8.30 -14.55
CA SER A 256 -5.55 -8.15 -14.48
C SER A 256 -5.98 -7.15 -13.42
N GLY A 257 -5.32 -7.22 -12.25
CA GLY A 257 -5.62 -6.34 -11.13
C GLY A 257 -7.04 -6.51 -10.62
N TRP A 258 -7.44 -5.64 -9.70
CA TRP A 258 -8.80 -5.71 -9.19
C TRP A 258 -9.81 -5.29 -10.26
N ALA A 259 -9.37 -4.54 -11.26
CA ALA A 259 -10.22 -4.15 -12.39
C ALA A 259 -10.60 -5.33 -13.27
N GLY A 260 -9.83 -6.41 -13.20
CA GLY A 260 -10.11 -7.61 -13.98
C GLY A 260 -9.85 -7.47 -15.47
N LEU A 261 -8.76 -6.77 -15.83
CA LEU A 261 -8.39 -6.61 -17.23
C LEU A 261 -8.02 -7.95 -17.86
N GLY A 262 -8.27 -8.07 -19.15
CA GLY A 262 -7.99 -9.30 -19.88
C GLY A 262 -7.52 -9.04 -21.29
N ARG A 263 -7.10 -10.11 -21.95
CA ARG A 263 -6.59 -10.00 -23.33
C ARG A 263 -7.69 -9.54 -24.29
N ILE A 264 -7.27 -8.95 -25.40
CA ILE A 264 -8.21 -8.44 -26.41
C ILE A 264 -8.29 -9.34 -27.62
N ASP A 265 -7.38 -10.30 -27.69
CA ASP A 265 -7.31 -11.25 -28.80
C ASP A 265 -6.45 -12.42 -28.35
N GLU A 266 -6.18 -13.36 -29.25
CA GLU A 266 -5.40 -14.54 -28.90
C GLU A 266 -3.90 -14.37 -29.16
N GLY A 267 -3.44 -13.13 -29.29
CA GLY A 267 -2.04 -12.87 -29.61
C GLY A 267 -1.08 -13.45 -28.59
N ASP A 268 -0.07 -14.16 -29.08
CA ASP A 268 0.89 -14.80 -28.19
C ASP A 268 1.99 -13.84 -27.72
N ASP A 269 1.85 -12.56 -28.09
CA ASP A 269 2.74 -11.50 -27.61
C ASP A 269 2.24 -10.88 -26.32
N CYS A 270 1.17 -11.45 -25.75
CA CYS A 270 0.54 -10.97 -24.54
C CYS A 270 0.45 -12.10 -23.54
N LEU A 271 0.73 -11.79 -22.27
CA LEU A 271 0.45 -12.70 -21.18
C LEU A 271 -0.33 -11.96 -20.12
N VAL A 272 -1.47 -12.51 -19.73
CA VAL A 272 -2.27 -11.94 -18.65
C VAL A 272 -1.88 -12.61 -17.34
N VAL A 273 -1.59 -11.80 -16.32
CA VAL A 273 -1.15 -12.33 -15.04
C VAL A 273 -2.04 -11.88 -13.89
N GLY A 274 -2.08 -12.73 -12.87
CA GLY A 274 -2.66 -12.35 -11.58
C GLY A 274 -1.55 -11.80 -10.71
N GLU A 275 -1.60 -12.14 -9.42
CA GLU A 275 -0.58 -11.74 -8.47
C GLU A 275 0.80 -12.24 -8.89
N VAL A 276 1.79 -11.35 -8.90
CA VAL A 276 3.16 -11.72 -9.26
C VAL A 276 4.17 -11.09 -8.31
N ASN A 277 5.38 -11.66 -8.31
CA ASN A 277 6.51 -11.06 -7.65
C ASN A 277 7.01 -9.86 -8.46
N HIS A 278 6.59 -8.67 -8.05
CA HIS A 278 6.98 -7.44 -8.71
C HIS A 278 8.47 -7.15 -8.64
N GLN A 279 9.07 -7.41 -7.49
CA GLN A 279 10.49 -7.12 -7.33
C GLN A 279 11.33 -7.85 -8.36
N VAL A 280 10.98 -9.11 -8.63
CA VAL A 280 11.66 -9.91 -9.63
C VAL A 280 11.21 -9.52 -11.05
N LEU A 281 9.90 -9.46 -11.28
CA LEU A 281 9.39 -9.19 -12.62
C LEU A 281 9.85 -7.83 -13.14
N PHE A 282 9.80 -6.81 -12.30
CA PHE A 282 10.12 -5.46 -12.76
C PHE A 282 11.59 -5.31 -13.15
N GLY A 283 12.45 -6.21 -12.67
CA GLY A 283 13.84 -6.27 -13.13
C GLY A 283 14.03 -6.92 -14.49
N ARG A 284 12.94 -7.46 -15.05
CA ARG A 284 12.99 -8.25 -16.28
C ARG A 284 12.03 -7.73 -17.35
N VAL A 285 11.54 -6.50 -17.15
CA VAL A 285 10.68 -5.84 -18.14
C VAL A 285 11.39 -4.60 -18.68
N ALA A 286 10.96 -4.15 -19.85
CA ALA A 286 11.53 -2.97 -20.48
C ALA A 286 10.98 -1.67 -19.89
N ALA A 287 9.74 -1.70 -19.42
CA ALA A 287 9.08 -0.55 -18.82
C ALA A 287 7.85 -1.02 -18.07
N VAL A 288 7.34 -0.16 -17.20
CA VAL A 288 6.14 -0.45 -16.43
C VAL A 288 5.16 0.71 -16.58
N VAL A 289 3.98 0.39 -17.11
CA VAL A 289 2.84 1.30 -17.15
C VAL A 289 1.97 0.98 -15.95
N HIS A 290 1.74 1.96 -15.08
CA HIS A 290 1.01 1.70 -13.86
C HIS A 290 0.25 2.93 -13.37
N HIS A 291 -0.52 2.76 -12.30
CA HIS A 291 -1.45 3.78 -11.80
C HIS A 291 -0.83 4.78 -10.82
N GLY A 292 0.36 4.45 -10.32
CA GLY A 292 1.08 5.17 -9.25
C GLY A 292 0.47 5.51 -7.88
N GLY A 293 -0.30 4.67 -7.18
CA GLY A 293 0.16 3.57 -6.34
C GLY A 293 1.46 3.90 -5.62
N ALA A 294 1.44 4.36 -4.35
CA ALA A 294 2.72 4.60 -3.64
C ALA A 294 3.60 3.35 -3.64
N GLY A 295 2.98 2.21 -3.34
CA GLY A 295 3.72 0.95 -3.27
C GLY A 295 4.21 0.48 -4.62
N THR A 296 3.36 0.57 -5.63
CA THR A 296 3.75 0.17 -6.98
C THR A 296 4.87 1.07 -7.50
N THR A 297 4.72 2.38 -7.32
CA THR A 297 5.74 3.32 -7.75
C THR A 297 7.07 3.01 -7.06
N THR A 298 7.02 2.73 -5.76
CA THR A 298 8.23 2.38 -5.01
C THR A 298 8.89 1.12 -5.58
N ALA A 299 8.09 0.09 -5.83
CA ALA A 299 8.61 -1.16 -6.37
C ALA A 299 9.24 -0.96 -7.75
N VAL A 300 8.58 -0.22 -8.63
CA VAL A 300 9.10 0.03 -9.97
C VAL A 300 10.41 0.80 -9.88
N THR A 301 10.42 1.83 -9.05
CA THR A 301 11.60 2.69 -8.90
C THR A 301 12.77 1.88 -8.35
N ARG A 302 12.52 1.06 -7.33
CA ARG A 302 13.58 0.23 -6.75
C ARG A 302 14.11 -0.81 -7.75
N ALA A 303 13.22 -1.31 -8.61
CA ALA A 303 13.61 -2.29 -9.63
C ALA A 303 14.41 -1.67 -10.76
N GLY A 304 14.31 -0.36 -10.93
CA GLY A 304 15.05 0.36 -11.97
C GLY A 304 14.42 0.27 -13.35
N ALA A 305 13.12 -0.01 -13.41
CA ALA A 305 12.42 -0.04 -14.70
C ALA A 305 11.90 1.36 -15.03
N PRO A 306 12.10 1.83 -16.28
CA PRO A 306 11.45 3.06 -16.70
C PRO A 306 9.92 2.97 -16.61
N GLN A 307 9.29 4.11 -16.41
CA GLN A 307 7.86 4.12 -16.06
C GLN A 307 7.02 4.98 -16.97
N VAL A 308 5.76 4.60 -17.10
CA VAL A 308 4.71 5.52 -17.53
C VAL A 308 3.64 5.47 -16.46
N VAL A 309 3.41 6.60 -15.79
CA VAL A 309 2.42 6.65 -14.73
C VAL A 309 1.14 7.24 -15.29
N VAL A 310 0.03 6.51 -15.10
CA VAL A 310 -1.28 6.91 -15.60
C VAL A 310 -2.20 7.03 -14.38
N PRO A 311 -2.13 8.18 -13.70
CA PRO A 311 -2.77 8.30 -12.39
C PRO A 311 -4.29 8.36 -12.48
N GLN A 312 -4.97 7.66 -11.59
CA GLN A 312 -6.43 7.55 -11.60
C GLN A 312 -7.12 8.42 -10.55
N LYS A 313 -6.56 8.43 -9.34
CA LYS A 313 -7.18 9.09 -8.17
C LYS A 313 -6.12 9.34 -7.09
N ALA A 314 -6.51 9.83 -5.92
CA ALA A 314 -5.56 10.10 -4.82
C ALA A 314 -4.64 11.33 -5.15
N ASP A 315 -3.42 11.55 -4.64
CA ASP A 315 -2.28 10.64 -4.36
C ASP A 315 -1.51 10.22 -5.62
N GLN A 316 -2.17 9.59 -6.57
CA GLN A 316 -1.49 9.08 -7.76
C GLN A 316 -0.87 10.16 -8.66
N PRO A 317 -1.57 11.29 -8.89
CA PRO A 317 -0.90 12.38 -9.62
C PRO A 317 0.40 12.87 -8.96
N TYR A 318 0.44 12.84 -7.63
CA TYR A 318 1.66 13.15 -6.88
C TYR A 318 2.81 12.25 -7.33
N TYR A 319 2.56 10.95 -7.39
CA TYR A 319 3.59 10.00 -7.80
C TYR A 319 3.98 10.13 -9.26
N ALA A 320 3.01 10.40 -10.12
CA ALA A 320 3.31 10.67 -11.53
C ALA A 320 4.28 11.83 -11.64
N GLY A 321 4.02 12.90 -10.89
CA GLY A 321 4.87 14.08 -10.89
C GLY A 321 6.26 13.78 -10.36
N ARG A 322 6.34 12.97 -9.31
CA ARG A 322 7.63 12.60 -8.73
C ARG A 322 8.47 11.81 -9.72
N VAL A 323 7.85 10.85 -10.40
CA VAL A 323 8.52 10.05 -11.41
C VAL A 323 9.05 10.92 -12.54
N ALA A 324 8.23 11.86 -13.02
CA ALA A 324 8.66 12.78 -14.06
C ALA A 324 9.82 13.67 -13.57
N ASP A 325 9.69 14.19 -12.35
CA ASP A 325 10.73 15.04 -11.75
C ASP A 325 12.06 14.30 -11.60
N LEU A 326 11.98 13.03 -11.22
CA LEU A 326 13.18 12.18 -11.07
C LEU A 326 13.80 11.81 -12.42
N GLY A 327 13.03 11.93 -13.49
CA GLY A 327 13.53 11.62 -14.83
C GLY A 327 13.58 10.14 -15.15
N VAL A 328 12.78 9.35 -14.43
CA VAL A 328 12.81 7.90 -14.59
C VAL A 328 11.58 7.37 -15.31
N GLY A 329 10.70 8.28 -15.71
CA GLY A 329 9.50 7.89 -16.42
C GLY A 329 8.72 9.09 -16.87
N VAL A 330 7.55 8.81 -17.43
CA VAL A 330 6.67 9.82 -18.00
C VAL A 330 5.42 9.91 -17.14
N ALA A 331 5.03 11.13 -16.80
CA ALA A 331 3.72 11.39 -16.21
C ALA A 331 2.75 11.54 -17.37
N HIS A 332 1.95 10.51 -17.61
CA HIS A 332 0.95 10.60 -18.67
C HIS A 332 -0.01 11.75 -18.36
N ASP A 333 -0.36 12.51 -19.39
CA ASP A 333 -1.25 13.66 -19.22
C ASP A 333 -2.71 13.20 -19.09
N GLY A 334 -3.09 12.87 -17.87
CA GLY A 334 -4.46 12.48 -17.59
C GLY A 334 -4.63 11.00 -17.30
N PRO A 335 -5.83 10.63 -16.81
CA PRO A 335 -6.14 9.27 -16.38
C PRO A 335 -6.49 8.30 -17.51
N THR A 336 -6.76 8.81 -18.72
CA THR A 336 -7.27 7.97 -19.80
C THR A 336 -6.43 8.07 -21.05
N PRO A 337 -5.45 7.17 -21.22
CA PRO A 337 -4.65 7.24 -22.43
C PRO A 337 -5.42 6.87 -23.69
N THR A 338 -4.94 7.39 -24.80
CA THR A 338 -5.29 6.89 -26.12
C THR A 338 -4.10 6.06 -26.61
N VAL A 339 -4.27 5.34 -27.70
CA VAL A 339 -3.16 4.59 -28.27
C VAL A 339 -2.01 5.56 -28.57
N GLU A 340 -2.34 6.70 -29.16
CA GLU A 340 -1.37 7.72 -29.53
C GLU A 340 -0.61 8.27 -28.31
N SER A 341 -1.36 8.63 -27.26
CA SER A 341 -0.74 9.24 -26.09
C SER A 341 0.10 8.23 -25.30
N LEU A 342 -0.39 7.01 -25.17
CA LEU A 342 0.38 5.99 -24.47
C LEU A 342 1.60 5.54 -25.30
N SER A 343 1.43 5.42 -26.61
CA SER A 343 2.55 5.09 -27.49
C SER A 343 3.66 6.12 -27.36
N ALA A 344 3.29 7.40 -27.37
CA ALA A 344 4.26 8.48 -27.26
C ALA A 344 4.98 8.44 -25.91
N ALA A 345 4.22 8.19 -24.85
CA ALA A 345 4.79 8.10 -23.50
C ALA A 345 5.75 6.91 -23.40
N LEU A 346 5.35 5.78 -23.97
CA LEU A 346 6.20 4.59 -24.01
C LEU A 346 7.47 4.80 -24.80
N ALA A 347 7.38 5.47 -25.96
CA ALA A 347 8.57 5.76 -26.76
C ALA A 347 9.60 6.53 -25.94
N THR A 348 9.12 7.51 -25.18
CA THR A 348 9.98 8.28 -24.29
C THR A 348 10.58 7.41 -23.18
N ALA A 349 9.76 6.52 -22.63
CA ALA A 349 10.19 5.63 -21.55
C ALA A 349 11.09 4.47 -22.02
N LEU A 350 11.21 4.29 -23.33
CA LEU A 350 11.99 3.17 -23.86
C LEU A 350 13.36 3.56 -24.43
N THR A 351 13.78 4.78 -24.18
CA THR A 351 15.09 5.25 -24.65
C THR A 351 16.23 4.71 -23.78
N PRO A 352 17.44 4.55 -24.36
CA PRO A 352 18.59 4.14 -23.55
C PRO A 352 18.87 5.11 -22.39
N GLY A 353 18.64 6.40 -22.61
CA GLY A 353 18.87 7.42 -21.59
C GLY A 353 18.02 7.20 -20.34
N ILE A 354 16.71 7.05 -20.54
CA ILE A 354 15.80 6.85 -19.41
C ILE A 354 16.05 5.50 -18.72
N ARG A 355 16.46 4.48 -19.48
CA ARG A 355 16.86 3.21 -18.89
C ARG A 355 18.02 3.41 -17.90
N ALA A 356 19.01 4.19 -18.31
CA ALA A 356 20.16 4.48 -17.45
C ALA A 356 19.74 5.30 -16.23
N ARG A 357 18.89 6.31 -16.43
CA ARG A 357 18.42 7.13 -15.32
C ARG A 357 17.65 6.29 -14.30
N ALA A 358 16.76 5.43 -14.78
CA ALA A 358 15.98 4.57 -13.91
C ALA A 358 16.89 3.60 -13.16
N ALA A 359 17.90 3.06 -13.84
CA ALA A 359 18.86 2.16 -13.19
C ALA A 359 19.58 2.87 -12.04
N ALA A 360 19.96 4.12 -12.27
CA ALA A 360 20.69 4.89 -11.26
C ALA A 360 19.82 5.23 -10.06
N VAL A 361 18.60 5.68 -10.30
CA VAL A 361 17.72 6.06 -9.19
C VAL A 361 17.37 4.84 -8.32
N ALA A 362 17.30 3.66 -8.94
CA ALA A 362 16.99 2.43 -8.21
C ALA A 362 17.92 2.22 -7.01
N GLY A 363 19.20 2.51 -7.20
CA GLY A 363 20.19 2.33 -6.14
C GLY A 363 20.05 3.28 -4.96
N THR A 364 19.24 4.32 -5.12
CA THR A 364 19.02 5.31 -4.06
C THR A 364 17.82 4.99 -3.18
N ILE A 365 17.03 3.99 -3.57
CA ILE A 365 15.83 3.62 -2.84
C ILE A 365 16.17 2.59 -1.76
N ARG A 366 15.99 2.97 -0.49
CA ARG A 366 16.29 2.07 0.61
C ARG A 366 15.21 1.02 0.80
N THR A 367 15.59 -0.15 1.29
CA THR A 367 14.64 -1.22 1.51
C THR A 367 14.57 -1.65 2.98
N ASP A 368 15.25 -0.91 3.86
CA ASP A 368 15.37 -1.30 5.27
C ASP A 368 14.44 -0.53 6.22
N GLY A 369 13.42 0.12 5.66
CA GLY A 369 12.45 0.84 6.46
C GLY A 369 11.82 0.03 7.58
N THR A 370 11.56 -1.25 7.34
CA THR A 370 10.98 -2.11 8.38
C THR A 370 11.92 -2.29 9.56
N THR A 371 13.23 -2.22 9.34
CA THR A 371 14.20 -2.30 10.41
C THR A 371 14.16 -1.02 11.27
N VAL A 372 14.01 0.14 10.63
CA VAL A 372 13.82 1.40 11.36
C VAL A 372 12.57 1.27 12.23
N ALA A 373 11.47 0.79 11.64
CA ALA A 373 10.21 0.62 12.38
C ALA A 373 10.37 -0.35 13.56
N ALA A 374 11.09 -1.45 13.33
CA ALA A 374 11.34 -2.42 14.39
C ALA A 374 12.09 -1.78 15.55
N LYS A 375 13.08 -0.95 15.25
CA LYS A 375 13.85 -0.24 16.28
C LYS A 375 12.98 0.78 17.02
N LEU A 376 12.12 1.48 16.28
CA LEU A 376 11.15 2.39 16.90
C LEU A 376 10.24 1.64 17.87
N LEU A 377 9.80 0.45 17.47
CA LEU A 377 8.94 -0.37 18.33
C LEU A 377 9.69 -0.84 19.58
N LEU A 378 10.94 -1.27 19.39
CA LEU A 378 11.79 -1.66 20.52
C LEU A 378 11.85 -0.54 21.56
N GLU A 379 12.10 0.68 21.10
CA GLU A 379 12.22 1.83 21.99
C GLU A 379 10.90 2.21 22.67
N ALA A 380 9.80 2.10 21.94
CA ALA A 380 8.47 2.39 22.48
C ALA A 380 8.05 1.39 23.56
N ILE A 381 8.38 0.11 23.34
CA ILE A 381 8.08 -0.96 24.30
C ILE A 381 8.97 -0.85 25.54
N SER A 382 10.26 -0.59 25.32
CA SER A 382 11.25 -0.48 26.41
C SER A 382 10.93 0.66 27.37
N ARG A 383 10.43 1.78 26.82
CA ARG A 383 10.12 2.97 27.63
C ARG A 383 8.80 2.81 28.37
N ALA A 391 15.48 -8.26 25.27
CA ALA A 391 15.00 -9.60 24.85
C ALA A 391 15.48 -9.93 23.43
N LYS A 392 14.76 -10.82 22.75
CA LYS A 392 15.11 -11.27 21.40
C LYS A 392 15.14 -10.14 20.37
N LEU A 393 14.27 -9.14 20.55
CA LEU A 393 14.21 -8.00 19.63
C LEU A 393 15.44 -7.09 19.74
N ALA A 394 15.81 -6.72 20.97
CA ALA A 394 17.02 -5.93 21.21
C ALA A 394 18.26 -6.67 20.73
N ALA A 395 18.30 -7.98 20.99
CA ALA A 395 19.41 -8.84 20.56
C ALA A 395 19.52 -8.93 19.03
N ALA A 396 18.37 -9.07 18.36
CA ALA A 396 18.34 -9.21 16.91
C ALA A 396 18.74 -7.93 16.18
N LEU A 397 18.35 -6.79 16.75
CA LEU A 397 18.69 -5.50 16.16
C LEU A 397 20.14 -5.11 16.42
N GLU A 398 20.69 -5.59 17.54
CA GLU A 398 22.10 -5.40 17.86
C GLU A 398 22.99 -6.25 16.95
#